data_2DJ6
#
_entry.id   2DJ6
#
_cell.length_a   35.831
_cell.length_b   95.708
_cell.length_c   105.654
_cell.angle_alpha   90.00
_cell.angle_beta   90.00
_cell.angle_gamma   90.00
#
_symmetry.space_group_name_H-M   'P 21 21 21'
#
loop_
_entity.id
_entity.type
_entity.pdbx_description
1 polymer 'hypothetical protein PH0634'
2 water water
#
_entity_poly.entity_id   1
_entity_poly.type   'polypeptide(L)'
_entity_poly.pdbx_seq_one_letter_code
;MKSRIIVRTSFDAAHAVKVGDHWEDVHGHTFFLEVAIEGEIKNGYVMDFLELRKIVEEITKELDHRNLNNIFENPTTENI
ALWIGERIRDKLPPYVKLKRVVLWEGKDNGVELEW
;
_entity_poly.pdbx_strand_id   A,B,C
#
# COMPACT_ATOMS: atom_id res chain seq x y z
N MET A 1 -8.60 2.11 -16.53
CA MET A 1 -8.52 2.34 -15.07
C MET A 1 -9.14 1.18 -14.27
N LYS A 2 -8.52 0.85 -13.16
CA LYS A 2 -9.04 -0.19 -12.28
C LYS A 2 -9.38 0.47 -10.94
N SER A 3 -10.53 0.10 -10.38
CA SER A 3 -10.97 0.64 -9.09
C SER A 3 -11.19 -0.46 -8.08
N ARG A 4 -10.72 -0.26 -6.86
CA ARG A 4 -10.88 -1.27 -5.84
C ARG A 4 -11.10 -0.66 -4.48
N ILE A 5 -11.79 -1.37 -3.61
CA ILE A 5 -12.02 -0.90 -2.26
C ILE A 5 -11.09 -1.73 -1.40
N ILE A 6 -10.56 -1.13 -0.34
CA ILE A 6 -9.64 -1.82 0.53
C ILE A 6 -10.10 -1.76 1.98
N VAL A 7 -9.95 -2.88 2.68
CA VAL A 7 -10.30 -2.92 4.10
C VAL A 7 -9.16 -3.53 4.87
N ARG A 8 -8.85 -2.94 6.00
CA ARG A 8 -7.77 -3.41 6.85
C ARG A 8 -8.39 -3.92 8.13
N THR A 9 -7.99 -5.12 8.53
CA THR A 9 -8.50 -5.71 9.76
C THR A 9 -7.32 -6.34 10.48
N SER A 10 -7.58 -6.92 11.64
CA SER A 10 -6.52 -7.55 12.41
C SER A 10 -7.04 -8.65 13.32
N PHE A 11 -6.20 -9.64 13.58
CA PHE A 11 -6.58 -10.73 14.46
C PHE A 11 -5.33 -11.33 15.06
N ASP A 12 -5.50 -12.06 16.15
CA ASP A 12 -4.37 -12.69 16.81
C ASP A 12 -4.50 -14.20 16.68
N ALA A 13 -3.36 -14.89 16.77
CA ALA A 13 -3.32 -16.34 16.68
C ALA A 13 -1.89 -16.79 16.90
N ALA A 14 -1.71 -18.06 17.24
CA ALA A 14 -0.38 -18.59 17.50
C ALA A 14 -0.04 -19.79 16.62
N HIS A 15 1.25 -19.99 16.40
CA HIS A 15 1.76 -21.11 15.61
C HIS A 15 3.18 -21.42 16.05
N ALA A 16 3.87 -22.28 15.29
CA ALA A 16 5.24 -22.65 15.62
C ALA A 16 6.02 -23.04 14.36
N HIS A 27 4.48 -17.68 18.07
CA HIS A 27 3.64 -18.25 19.12
C HIS A 27 2.67 -17.21 19.71
N GLY A 28 1.66 -16.81 18.91
CA GLY A 28 0.76 -15.80 19.43
C GLY A 28 1.14 -14.41 18.92
N HIS A 29 0.85 -14.17 17.64
CA HIS A 29 1.18 -12.90 17.01
C HIS A 29 -0.08 -12.16 16.59
N THR A 30 0.09 -10.87 16.30
CA THR A 30 -1.01 -10.03 15.84
C THR A 30 -0.83 -9.99 14.33
N PHE A 31 -1.91 -10.29 13.61
CA PHE A 31 -1.86 -10.28 12.16
C PHE A 31 -2.60 -9.07 11.61
N PHE A 32 -1.98 -8.37 10.66
CA PHE A 32 -2.58 -7.22 10.02
C PHE A 32 -2.97 -7.63 8.61
N LEU A 33 -4.26 -7.65 8.36
CA LEU A 33 -4.80 -8.07 7.07
C LEU A 33 -5.33 -6.93 6.22
N GLU A 34 -4.96 -6.93 4.96
CA GLU A 34 -5.43 -5.92 4.01
C GLU A 34 -6.01 -6.65 2.81
N VAL A 35 -7.26 -6.35 2.49
CA VAL A 35 -7.96 -6.98 1.38
C VAL A 35 -8.40 -5.97 0.34
N ALA A 36 -8.00 -6.20 -0.91
CA ALA A 36 -8.38 -5.31 -2.00
C ALA A 36 -9.35 -6.05 -2.93
N ILE A 37 -10.51 -5.44 -3.17
CA ILE A 37 -11.54 -6.03 -4.02
C ILE A 37 -11.74 -5.13 -5.24
N GLU A 38 -11.55 -5.68 -6.42
CA GLU A 38 -11.68 -4.92 -7.66
C GLU A 38 -13.07 -5.08 -8.28
N GLY A 39 -13.52 -4.01 -8.94
CA GLY A 39 -14.82 -4.02 -9.58
C GLY A 39 -15.10 -2.64 -10.15
N GLU A 40 -16.24 -2.48 -10.82
CA GLU A 40 -16.58 -1.19 -11.39
C GLU A 40 -17.34 -0.36 -10.38
N ILE A 41 -17.19 0.96 -10.49
CA ILE A 41 -17.89 1.87 -9.60
C ILE A 41 -19.31 2.01 -10.12
N LYS A 42 -20.27 1.56 -9.32
CA LYS A 42 -21.69 1.61 -9.68
C LYS A 42 -22.42 2.26 -8.52
N ASN A 43 -23.30 3.21 -8.83
CA ASN A 43 -24.04 3.92 -7.80
C ASN A 43 -23.02 4.51 -6.81
N GLY A 44 -21.87 4.92 -7.34
CA GLY A 44 -20.84 5.52 -6.52
C GLY A 44 -19.90 4.63 -5.73
N TYR A 45 -20.04 3.31 -5.82
CA TYR A 45 -19.13 2.45 -5.07
C TYR A 45 -18.89 1.09 -5.69
N VAL A 46 -17.76 0.49 -5.34
CA VAL A 46 -17.39 -0.82 -5.85
C VAL A 46 -18.22 -1.85 -5.10
N MET A 47 -18.11 -1.81 -3.77
CA MET A 47 -18.82 -2.71 -2.88
C MET A 47 -18.84 -2.06 -1.50
N ASP A 48 -19.90 -2.32 -0.74
CA ASP A 48 -20.05 -1.75 0.60
C ASP A 48 -18.91 -2.06 1.56
N PHE A 49 -18.28 -1.02 2.11
CA PHE A 49 -17.16 -1.20 3.06
C PHE A 49 -17.54 -2.12 4.21
N LEU A 50 -18.71 -1.86 4.79
CA LEU A 50 -19.22 -2.65 5.91
C LEU A 50 -19.40 -4.11 5.51
N GLU A 51 -19.96 -4.33 4.32
CA GLU A 51 -20.17 -5.68 3.81
C GLU A 51 -18.84 -6.44 3.83
N LEU A 52 -17.89 -5.96 3.05
CA LEU A 52 -16.58 -6.57 2.94
C LEU A 52 -15.98 -6.85 4.31
N ARG A 53 -16.09 -5.88 5.21
CA ARG A 53 -15.55 -6.06 6.56
C ARG A 53 -16.28 -7.17 7.31
N LYS A 54 -17.57 -7.31 7.06
CA LYS A 54 -18.36 -8.35 7.70
C LYS A 54 -17.82 -9.70 7.21
N ILE A 55 -17.64 -9.82 5.90
CA ILE A 55 -17.12 -11.03 5.30
C ILE A 55 -15.76 -11.41 5.88
N VAL A 56 -14.82 -10.48 5.82
CA VAL A 56 -13.47 -10.71 6.31
C VAL A 56 -13.44 -11.05 7.80
N GLU A 57 -14.23 -10.34 8.59
CA GLU A 57 -14.27 -10.61 10.02
C GLU A 57 -14.86 -11.97 10.35
N GLU A 58 -15.75 -12.46 9.50
CA GLU A 58 -16.35 -13.77 9.73
C GLU A 58 -15.24 -14.81 9.53
N ILE A 59 -14.42 -14.56 8.51
CA ILE A 59 -13.32 -15.44 8.18
C ILE A 59 -12.22 -15.47 9.22
N THR A 60 -11.74 -14.30 9.63
CA THR A 60 -10.67 -14.23 10.62
C THR A 60 -11.15 -14.66 12.01
N LYS A 61 -12.45 -14.55 12.24
CA LYS A 61 -13.05 -14.95 13.51
C LYS A 61 -12.75 -16.42 13.76
N GLU A 62 -12.52 -17.17 12.68
CA GLU A 62 -12.20 -18.59 12.76
C GLU A 62 -10.72 -18.83 13.10
N LEU A 63 -9.90 -17.76 12.90
CA LEU A 63 -8.48 -17.80 13.24
C LEU A 63 -8.20 -17.18 14.62
N ASP A 64 -9.05 -16.19 14.96
CA ASP A 64 -8.84 -15.38 16.17
C ASP A 64 -8.44 -16.18 17.41
N HIS A 65 -7.30 -15.81 17.96
CA HIS A 65 -6.72 -16.46 19.13
C HIS A 65 -6.86 -17.98 19.22
N ARG A 66 -6.45 -18.64 18.14
CA ARG A 66 -6.50 -20.08 18.03
C ARG A 66 -5.14 -20.66 17.66
N ASN A 67 -4.99 -21.98 17.77
CA ASN A 67 -3.72 -22.62 17.43
C ASN A 67 -3.74 -23.06 15.97
N LEU A 68 -3.32 -22.15 15.10
CA LEU A 68 -3.29 -22.39 13.66
C LEU A 68 -2.76 -23.76 13.28
N ASN A 69 -1.78 -24.27 14.03
CA ASN A 69 -1.20 -25.57 13.74
C ASN A 69 -2.20 -26.72 13.75
N ASN A 70 -3.40 -26.47 14.24
CA ASN A 70 -4.41 -27.50 14.27
C ASN A 70 -5.28 -27.45 13.02
N ILE A 71 -5.40 -26.27 12.44
CA ILE A 71 -6.20 -26.09 11.25
C ILE A 71 -5.32 -26.10 10.00
N PHE A 72 -4.00 -26.00 10.21
CA PHE A 72 -3.04 -26.02 9.11
C PHE A 72 -1.93 -27.04 9.31
N GLU A 73 -1.56 -27.71 8.23
CA GLU A 73 -0.49 -28.71 8.28
C GLU A 73 0.80 -27.93 8.50
N ASN A 74 0.80 -26.69 8.05
CA ASN A 74 1.95 -25.82 8.19
C ASN A 74 1.44 -24.37 8.13
N PRO A 75 1.09 -23.80 9.30
CA PRO A 75 0.58 -22.44 9.46
C PRO A 75 1.55 -21.32 9.13
N THR A 76 2.08 -21.30 7.91
CA THR A 76 3.00 -20.25 7.51
C THR A 76 2.16 -19.04 7.08
N THR A 77 2.75 -17.86 7.09
CA THR A 77 2.03 -16.66 6.70
C THR A 77 1.49 -16.81 5.27
N GLU A 78 2.31 -17.41 4.40
CA GLU A 78 1.90 -17.62 3.02
C GLU A 78 0.66 -18.51 2.95
N ASN A 79 0.65 -19.58 3.74
CA ASN A 79 -0.47 -20.51 3.76
C ASN A 79 -1.69 -19.92 4.44
N ILE A 80 -1.49 -19.09 5.45
CA ILE A 80 -2.62 -18.48 6.13
C ILE A 80 -3.30 -17.51 5.17
N ALA A 81 -2.48 -16.80 4.39
CA ALA A 81 -3.00 -15.83 3.43
C ALA A 81 -3.80 -16.51 2.33
N LEU A 82 -3.25 -17.61 1.82
CA LEU A 82 -3.91 -18.40 0.78
C LEU A 82 -5.26 -18.86 1.29
N TRP A 83 -5.25 -19.35 2.52
CA TRP A 83 -6.46 -19.84 3.17
C TRP A 83 -7.51 -18.73 3.21
N ILE A 84 -7.12 -17.56 3.70
CA ILE A 84 -8.03 -16.44 3.80
C ILE A 84 -8.60 -16.02 2.44
N GLY A 85 -7.71 -15.89 1.46
CA GLY A 85 -8.15 -15.50 0.13
C GLY A 85 -9.21 -16.43 -0.45
N GLU A 86 -8.99 -17.73 -0.32
CA GLU A 86 -9.93 -18.72 -0.83
C GLU A 86 -11.32 -18.56 -0.25
N ARG A 87 -11.39 -18.24 1.04
CA ARG A 87 -12.67 -18.07 1.70
C ARG A 87 -13.31 -16.72 1.48
N ILE A 88 -12.49 -15.69 1.25
CA ILE A 88 -13.03 -14.35 0.98
C ILE A 88 -13.76 -14.46 -0.36
N ARG A 89 -13.07 -15.05 -1.33
CA ARG A 89 -13.56 -15.24 -2.69
C ARG A 89 -14.92 -15.94 -2.73
N ASP A 90 -15.08 -16.95 -1.88
CA ASP A 90 -16.31 -17.73 -1.81
C ASP A 90 -17.49 -16.93 -1.28
N LYS A 91 -17.21 -15.91 -0.47
CA LYS A 91 -18.27 -15.09 0.10
C LYS A 91 -18.48 -13.75 -0.60
N LEU A 92 -17.69 -13.48 -1.64
CA LEU A 92 -17.80 -12.21 -2.36
C LEU A 92 -19.01 -12.17 -3.29
N PRO A 93 -19.71 -11.02 -3.33
CA PRO A 93 -20.87 -10.90 -4.21
C PRO A 93 -20.39 -10.98 -5.66
N PRO A 94 -21.31 -11.10 -6.61
CA PRO A 94 -20.89 -11.18 -8.02
C PRO A 94 -20.44 -9.82 -8.53
N TYR A 95 -19.78 -9.82 -9.69
CA TYR A 95 -19.31 -8.60 -10.35
C TYR A 95 -18.02 -7.99 -9.79
N VAL A 96 -17.49 -8.55 -8.71
CA VAL A 96 -16.23 -8.06 -8.14
C VAL A 96 -15.28 -9.24 -8.00
N LYS A 97 -13.99 -8.96 -7.93
CA LYS A 97 -13.01 -10.02 -7.78
C LYS A 97 -11.93 -9.70 -6.76
N LEU A 98 -11.41 -10.76 -6.15
CA LEU A 98 -10.36 -10.61 -5.16
C LEU A 98 -9.10 -10.21 -5.92
N LYS A 99 -8.60 -9.02 -5.64
CA LYS A 99 -7.42 -8.54 -6.33
C LYS A 99 -6.13 -8.74 -5.54
N ARG A 100 -6.19 -8.51 -4.24
CA ARG A 100 -4.98 -8.60 -3.45
C ARG A 100 -5.23 -8.90 -1.99
N VAL A 101 -4.31 -9.65 -1.39
CA VAL A 101 -4.39 -9.98 0.02
C VAL A 101 -3.00 -9.72 0.56
N VAL A 102 -2.93 -8.90 1.61
CA VAL A 102 -1.66 -8.61 2.25
C VAL A 102 -1.83 -9.00 3.71
N LEU A 103 -0.99 -9.91 4.15
CA LEU A 103 -1.05 -10.39 5.52
C LEU A 103 0.27 -10.15 6.19
N TRP A 104 0.25 -9.29 7.21
CA TRP A 104 1.45 -8.98 7.96
C TRP A 104 1.44 -9.71 9.30
N GLU A 105 2.55 -10.37 9.59
CA GLU A 105 2.73 -11.12 10.82
C GLU A 105 3.76 -10.27 11.57
N GLY A 106 3.30 -9.39 12.43
CA GLY A 106 4.21 -8.47 13.07
C GLY A 106 3.93 -7.18 12.33
N LYS A 107 4.82 -6.20 12.38
CA LYS A 107 4.49 -4.97 11.67
C LYS A 107 5.30 -4.70 10.42
N ASP A 108 6.41 -5.41 10.26
CA ASP A 108 7.27 -5.21 9.10
C ASP A 108 7.66 -6.50 8.40
N ASN A 109 6.78 -7.48 8.45
CA ASN A 109 7.00 -8.78 7.81
C ASN A 109 5.66 -9.29 7.31
N GLY A 110 5.51 -9.38 5.99
CA GLY A 110 4.24 -9.82 5.46
C GLY A 110 4.29 -10.55 4.14
N VAL A 111 3.12 -10.99 3.70
CA VAL A 111 2.98 -11.71 2.45
C VAL A 111 1.94 -11.00 1.60
N GLU A 112 2.24 -10.86 0.32
CA GLU A 112 1.34 -10.21 -0.62
C GLU A 112 0.95 -11.17 -1.73
N LEU A 113 -0.35 -11.44 -1.87
CA LEU A 113 -0.86 -12.31 -2.94
C LEU A 113 -1.64 -11.40 -3.87
N GLU A 114 -1.37 -11.52 -5.16
CA GLU A 114 -2.03 -10.68 -6.13
C GLU A 114 -2.58 -11.51 -7.28
N TRP A 115 -3.83 -11.22 -7.65
CA TRP A 115 -4.49 -11.92 -8.74
C TRP A 115 -4.82 -10.94 -9.85
N MET B 1 11.70 -1.80 -15.85
CA MET B 1 11.49 -1.24 -14.49
C MET B 1 10.73 0.08 -14.54
N LYS B 2 9.76 0.24 -13.65
CA LYS B 2 8.99 1.47 -13.56
C LYS B 2 9.41 2.22 -12.30
N SER B 3 9.44 3.55 -12.38
CA SER B 3 9.81 4.37 -11.24
C SER B 3 8.74 5.42 -10.99
N ARG B 4 8.33 5.55 -9.74
CA ARG B 4 7.32 6.52 -9.39
C ARG B 4 7.67 7.32 -8.14
N ILE B 5 7.13 8.53 -8.04
CA ILE B 5 7.34 9.28 -6.81
C ILE B 5 5.96 9.24 -6.16
N ILE B 6 5.92 9.17 -4.84
CA ILE B 6 4.65 9.10 -4.13
C ILE B 6 4.58 10.19 -3.07
N VAL B 7 3.44 10.87 -2.97
CA VAL B 7 3.28 11.88 -1.94
C VAL B 7 2.05 11.53 -1.14
N ARG B 8 2.15 11.68 0.18
CA ARG B 8 1.02 11.42 1.06
C ARG B 8 0.61 12.73 1.70
N THR B 9 -0.70 12.93 1.84
CA THR B 9 -1.18 14.16 2.45
C THR B 9 -2.53 13.82 3.03
N SER B 10 -3.10 14.73 3.78
CA SER B 10 -4.40 14.46 4.38
C SER B 10 -5.22 15.71 4.51
N PHE B 11 -6.53 15.52 4.63
CA PHE B 11 -7.44 16.63 4.81
C PHE B 11 -8.59 16.10 5.65
N ASP B 12 -9.37 16.98 6.25
CA ASP B 12 -10.52 16.48 6.98
C ASP B 12 -11.78 16.95 6.29
N ALA B 13 -12.86 16.20 6.46
CA ALA B 13 -14.11 16.56 5.83
C ALA B 13 -15.24 15.73 6.43
N ALA B 14 -16.44 16.30 6.41
CA ALA B 14 -17.60 15.61 6.94
C ALA B 14 -18.54 15.27 5.80
N HIS B 15 -19.32 14.22 5.95
CA HIS B 15 -20.28 13.84 4.93
C HIS B 15 -21.20 12.73 5.44
N ALA B 16 -22.21 12.46 4.63
CA ALA B 16 -23.20 11.42 4.92
C ALA B 16 -23.40 10.75 3.58
N VAL B 17 -23.29 9.42 3.55
CA VAL B 17 -23.46 8.69 2.30
C VAL B 17 -24.89 8.20 2.07
N LYS B 18 -25.24 8.05 0.81
CA LYS B 18 -26.57 7.59 0.41
C LYS B 18 -26.86 6.21 1.01
N VAL B 19 -27.93 6.15 1.80
CA VAL B 19 -28.20 4.88 2.49
C VAL B 19 -29.63 4.37 2.23
N GLY B 20 -30.33 5.06 1.30
CA GLY B 20 -31.55 4.50 0.73
C GLY B 20 -31.88 5.23 -0.59
N ASP B 21 -32.89 6.12 -0.51
CA ASP B 21 -33.11 7.10 -1.56
C ASP B 21 -32.91 8.49 -0.97
N HIS B 22 -33.05 8.49 0.37
CA HIS B 22 -32.59 9.53 1.25
C HIS B 22 -31.14 9.27 1.61
N TRP B 23 -30.71 9.94 2.68
CA TRP B 23 -29.30 9.80 3.05
C TRP B 23 -29.15 9.00 4.35
N GLU B 24 -28.27 9.62 5.15
CA GLU B 24 -27.59 9.00 6.32
C GLU B 24 -27.23 10.00 7.46
N ASP B 25 -26.12 9.68 8.18
CA ASP B 25 -25.72 10.40 9.39
C ASP B 25 -24.34 11.08 9.26
N VAL B 26 -24.41 12.41 9.26
CA VAL B 26 -23.20 13.23 9.20
C VAL B 26 -22.13 12.81 10.24
N HIS B 27 -20.97 12.46 9.69
CA HIS B 27 -19.82 12.20 10.55
C HIS B 27 -18.55 12.79 9.95
N GLY B 28 -17.58 13.14 10.78
CA GLY B 28 -16.33 13.71 10.29
C GLY B 28 -15.21 12.66 10.22
N HIS B 29 -14.33 12.84 9.23
CA HIS B 29 -13.20 11.94 9.07
C HIS B 29 -11.93 12.71 8.77
N THR B 30 -10.79 12.13 9.16
CA THR B 30 -9.56 12.52 8.51
C THR B 30 -9.32 11.63 7.28
N PHE B 31 -9.22 12.28 6.11
CA PHE B 31 -8.94 11.53 4.89
C PHE B 31 -7.42 11.47 4.62
N PHE B 32 -6.90 10.30 4.27
CA PHE B 32 -5.48 10.17 3.93
C PHE B 32 -5.36 9.89 2.43
N LEU B 33 -4.65 10.75 1.71
CA LEU B 33 -4.46 10.60 0.26
C LEU B 33 -3.02 10.27 -0.12
N GLU B 34 -2.88 9.29 -1.01
CA GLU B 34 -1.59 8.87 -1.50
C GLU B 34 -1.65 9.00 -3.03
N VAL B 35 -0.71 9.73 -3.60
CA VAL B 35 -0.69 9.93 -5.04
C VAL B 35 0.63 9.42 -5.61
N ALA B 36 0.53 8.52 -6.58
CA ALA B 36 1.71 7.96 -7.22
C ALA B 36 1.77 8.47 -8.66
N ILE B 37 2.91 9.05 -9.02
CA ILE B 37 3.14 9.60 -10.35
C ILE B 37 4.32 8.86 -10.97
N GLU B 38 4.15 8.43 -12.22
CA GLU B 38 5.18 7.66 -12.90
C GLU B 38 5.93 8.44 -13.96
N GLY B 39 7.24 8.21 -14.01
CA GLY B 39 8.07 8.89 -14.98
C GLY B 39 9.47 8.31 -15.02
N GLU B 40 10.27 8.82 -15.95
CA GLU B 40 11.63 8.40 -16.16
C GLU B 40 12.54 9.09 -15.14
N ILE B 41 13.55 8.41 -14.64
CA ILE B 41 14.48 9.04 -13.71
C ILE B 41 15.51 9.77 -14.55
N LYS B 42 15.50 11.09 -14.48
CA LYS B 42 16.45 11.92 -15.24
C LYS B 42 17.25 12.79 -14.29
N ASN B 43 18.57 12.74 -14.42
CA ASN B 43 19.44 13.52 -13.56
C ASN B 43 19.11 13.25 -12.10
N GLY B 44 18.84 11.99 -11.80
CA GLY B 44 18.56 11.61 -10.42
C GLY B 44 17.13 11.67 -9.91
N TYR B 45 16.17 12.09 -10.74
CA TYR B 45 14.79 12.13 -10.24
C TYR B 45 13.70 12.13 -11.29
N VAL B 46 12.52 11.67 -10.87
CA VAL B 46 11.34 11.59 -11.72
C VAL B 46 10.64 12.93 -11.80
N MET B 47 10.36 13.52 -10.64
CA MET B 47 9.68 14.81 -10.53
C MET B 47 9.95 15.34 -9.13
N ASP B 48 10.06 16.66 -8.99
CA ASP B 48 10.32 17.27 -7.69
C ASP B 48 9.16 16.99 -6.75
N PHE B 49 9.46 16.44 -5.56
CA PHE B 49 8.44 16.12 -4.56
C PHE B 49 7.53 17.29 -4.24
N LEU B 50 8.15 18.42 -3.89
CA LEU B 50 7.41 19.62 -3.51
C LEU B 50 6.48 20.10 -4.62
N GLU B 51 6.95 20.01 -5.87
CA GLU B 51 6.14 20.44 -7.00
C GLU B 51 4.84 19.63 -7.04
N LEU B 52 4.97 18.33 -6.86
CA LEU B 52 3.80 17.47 -6.89
C LEU B 52 2.89 17.73 -5.68
N ARG B 53 3.50 17.83 -4.51
CA ARG B 53 2.73 18.08 -3.29
C ARG B 53 1.89 19.35 -3.40
N LYS B 54 2.47 20.38 -4.00
CA LYS B 54 1.76 21.64 -4.18
C LYS B 54 0.57 21.45 -5.11
N ILE B 55 0.76 20.71 -6.18
CA ILE B 55 -0.36 20.46 -7.10
C ILE B 55 -1.47 19.74 -6.33
N VAL B 56 -1.11 18.65 -5.66
CA VAL B 56 -2.07 17.85 -4.92
C VAL B 56 -2.77 18.60 -3.79
N GLU B 57 -2.00 19.35 -3.00
CA GLU B 57 -2.59 20.08 -1.89
C GLU B 57 -3.46 21.27 -2.30
N GLU B 58 -3.28 21.78 -3.51
CA GLU B 58 -4.15 22.87 -3.97
C GLU B 58 -5.51 22.21 -4.16
N ILE B 59 -5.50 20.97 -4.62
CA ILE B 59 -6.72 20.23 -4.86
C ILE B 59 -7.43 19.78 -3.57
N THR B 60 -6.70 19.18 -2.63
CA THR B 60 -7.33 18.74 -1.40
C THR B 60 -7.84 19.94 -0.61
N LYS B 61 -7.23 21.10 -0.83
CA LYS B 61 -7.62 22.31 -0.16
C LYS B 61 -9.08 22.66 -0.41
N GLU B 62 -9.58 22.30 -1.58
CA GLU B 62 -10.97 22.57 -1.91
C GLU B 62 -11.92 21.70 -1.09
N LEU B 63 -11.42 20.59 -0.57
CA LEU B 63 -12.25 19.68 0.21
C LEU B 63 -12.06 19.84 1.71
N ASP B 64 -10.87 20.30 2.09
CA ASP B 64 -10.50 20.46 3.50
C ASP B 64 -11.47 21.32 4.31
N HIS B 65 -11.96 20.76 5.42
CA HIS B 65 -12.89 21.42 6.34
C HIS B 65 -14.27 21.67 5.75
N ARG B 66 -14.61 20.95 4.70
CA ARG B 66 -15.91 21.12 4.06
C ARG B 66 -16.90 19.98 4.31
N ASN B 67 -18.17 20.27 4.03
CA ASN B 67 -19.24 19.28 4.14
C ASN B 67 -19.29 18.76 2.70
N LEU B 68 -18.83 17.53 2.48
CA LEU B 68 -18.77 16.99 1.12
C LEU B 68 -20.11 16.82 0.42
N ASN B 69 -21.20 16.72 1.17
CA ASN B 69 -22.51 16.60 0.55
C ASN B 69 -22.89 17.91 -0.15
N ASN B 70 -22.15 18.98 0.15
CA ASN B 70 -22.42 20.26 -0.50
C ASN B 70 -21.64 20.34 -1.81
N ILE B 71 -20.72 19.40 -2.02
CA ILE B 71 -19.89 19.40 -3.22
C ILE B 71 -20.14 18.22 -4.14
N PHE B 72 -20.59 17.09 -3.58
CA PHE B 72 -20.85 15.90 -4.38
C PHE B 72 -22.29 15.46 -4.15
N GLU B 73 -22.93 14.95 -5.19
CA GLU B 73 -24.31 14.47 -5.07
C GLU B 73 -24.28 13.28 -4.12
N ASN B 74 -23.24 12.46 -4.24
CA ASN B 74 -23.04 11.30 -3.38
C ASN B 74 -21.55 11.20 -3.11
N PRO B 75 -21.09 11.83 -2.03
CA PRO B 75 -19.67 11.84 -1.63
C PRO B 75 -19.14 10.53 -1.07
N THR B 76 -19.18 9.47 -1.87
CA THR B 76 -18.64 8.19 -1.46
C THR B 76 -17.13 8.33 -1.65
N THR B 77 -16.36 7.52 -0.94
CA THR B 77 -14.91 7.58 -1.05
C THR B 77 -14.49 7.42 -2.50
N GLU B 78 -15.18 6.54 -3.22
CA GLU B 78 -14.88 6.32 -4.63
C GLU B 78 -15.08 7.58 -5.48
N ASN B 79 -16.20 8.26 -5.32
CA ASN B 79 -16.46 9.46 -6.11
C ASN B 79 -15.48 10.57 -5.79
N ILE B 80 -15.10 10.71 -4.51
CA ILE B 80 -14.14 11.73 -4.13
C ILE B 80 -12.77 11.42 -4.78
N ALA B 81 -12.40 10.15 -4.77
CA ALA B 81 -11.13 9.72 -5.35
C ALA B 81 -11.08 9.99 -6.86
N LEU B 82 -12.18 9.70 -7.53
CA LEU B 82 -12.29 9.90 -8.97
C LEU B 82 -12.11 11.38 -9.27
N TRP B 83 -12.77 12.22 -8.49
CA TRP B 83 -12.68 13.67 -8.66
C TRP B 83 -11.25 14.15 -8.43
N ILE B 84 -10.61 13.64 -7.38
CA ILE B 84 -9.23 14.04 -7.08
C ILE B 84 -8.31 13.66 -8.24
N GLY B 85 -8.47 12.44 -8.74
CA GLY B 85 -7.65 11.97 -9.85
C GLY B 85 -7.80 12.80 -11.11
N GLU B 86 -9.03 13.17 -11.44
CA GLU B 86 -9.27 13.98 -12.64
C GLU B 86 -8.57 15.33 -12.53
N ARG B 87 -8.67 15.95 -11.35
CA ARG B 87 -8.04 17.24 -11.10
C ARG B 87 -6.51 17.16 -11.17
N ILE B 88 -5.93 16.12 -10.58
CA ILE B 88 -4.49 15.96 -10.57
C ILE B 88 -3.94 15.74 -11.98
N ARG B 89 -4.56 14.83 -12.72
CA ARG B 89 -4.16 14.51 -14.08
C ARG B 89 -4.14 15.77 -14.93
N ASP B 90 -5.17 16.58 -14.76
CA ASP B 90 -5.32 17.82 -15.50
C ASP B 90 -4.17 18.80 -15.24
N LYS B 91 -3.52 18.68 -14.09
CA LYS B 91 -2.45 19.61 -13.76
C LYS B 91 -1.02 19.08 -13.86
N LEU B 92 -0.85 17.77 -14.08
CA LEU B 92 0.50 17.21 -14.16
C LEU B 92 1.30 17.68 -15.37
N PRO B 93 2.63 17.83 -15.22
CA PRO B 93 3.48 18.28 -16.32
C PRO B 93 3.45 17.20 -17.40
N PRO B 94 3.81 17.56 -18.65
CA PRO B 94 3.80 16.60 -19.76
C PRO B 94 4.76 15.42 -19.78
N TYR B 95 5.63 15.30 -18.79
CA TYR B 95 6.56 14.16 -18.79
C TYR B 95 6.22 13.03 -17.82
N VAL B 96 5.15 13.18 -17.03
CA VAL B 96 4.76 12.14 -16.09
C VAL B 96 3.33 11.67 -16.33
N LYS B 97 3.00 10.55 -15.72
CA LYS B 97 1.68 9.94 -15.85
C LYS B 97 1.09 9.69 -14.47
N LEU B 98 -0.21 9.91 -14.31
CA LEU B 98 -0.86 9.63 -13.02
C LEU B 98 -1.01 8.12 -12.98
N LYS B 99 -0.35 7.48 -12.01
CA LYS B 99 -0.38 6.04 -11.91
C LYS B 99 -1.38 5.49 -10.92
N ARG B 100 -1.47 6.12 -9.75
CA ARG B 100 -2.35 5.63 -8.71
C ARG B 100 -2.79 6.67 -7.71
N VAL B 101 -4.03 6.53 -7.26
CA VAL B 101 -4.58 7.39 -6.24
C VAL B 101 -5.19 6.46 -5.21
N VAL B 102 -4.78 6.61 -3.96
CA VAL B 102 -5.35 5.79 -2.89
C VAL B 102 -5.93 6.77 -1.87
N LEU B 103 -7.23 6.67 -1.62
CA LEU B 103 -7.88 7.57 -0.67
C LEU B 103 -8.45 6.77 0.50
N TRP B 104 -8.00 7.10 1.70
CA TRP B 104 -8.44 6.42 2.92
C TRP B 104 -9.39 7.27 3.75
N GLU B 105 -10.55 6.71 4.08
CA GLU B 105 -11.51 7.40 4.92
C GLU B 105 -11.19 6.82 6.28
N GLY B 106 -10.30 7.50 7.00
CA GLY B 106 -9.84 6.99 8.28
C GLY B 106 -8.71 6.06 7.87
N LYS B 107 -8.26 5.18 8.75
CA LYS B 107 -7.17 4.29 8.39
C LYS B 107 -7.57 2.86 8.01
N ASP B 108 -8.83 2.51 8.22
CA ASP B 108 -9.27 1.14 7.93
C ASP B 108 -10.02 0.86 6.63
N ASN B 109 -10.42 1.91 5.93
CA ASN B 109 -11.18 1.75 4.69
C ASN B 109 -10.72 2.73 3.64
N GLY B 110 -10.46 2.22 2.44
CA GLY B 110 -10.00 3.10 1.39
C GLY B 110 -10.37 2.63 -0.01
N VAL B 111 -10.07 3.48 -0.98
CA VAL B 111 -10.31 3.21 -2.38
C VAL B 111 -8.99 3.38 -3.12
N GLU B 112 -8.73 2.49 -4.06
CA GLU B 112 -7.52 2.56 -4.85
C GLU B 112 -7.88 2.63 -6.33
N LEU B 113 -7.40 3.67 -7.01
CA LEU B 113 -7.63 3.84 -8.44
C LEU B 113 -6.26 3.70 -9.09
N GLU B 114 -6.19 2.89 -10.14
CA GLU B 114 -4.92 2.66 -10.82
C GLU B 114 -5.04 2.75 -12.34
N TRP B 115 -4.05 3.39 -12.94
CA TRP B 115 -4.02 3.54 -14.39
C TRP B 115 -2.81 2.85 -15.00
N MET C 1 -1.78 -16.26 -10.38
CA MET C 1 -1.62 -15.55 -9.09
C MET C 1 -0.14 -15.35 -8.77
N LYS C 2 0.19 -14.17 -8.25
CA LYS C 2 1.57 -13.89 -7.88
C LYS C 2 1.68 -13.83 -6.37
N SER C 3 2.84 -14.21 -5.84
CA SER C 3 3.04 -14.19 -4.41
C SER C 3 4.39 -13.57 -4.05
N ARG C 4 4.38 -12.76 -3.00
CA ARG C 4 5.58 -12.08 -2.56
C ARG C 4 5.63 -11.98 -1.05
N ILE C 5 6.84 -11.85 -0.53
CA ILE C 5 6.98 -11.65 0.90
C ILE C 5 7.51 -10.23 0.97
N ILE C 6 7.16 -9.53 2.05
CA ILE C 6 7.59 -8.15 2.21
C ILE C 6 8.28 -7.91 3.54
N VAL C 7 9.35 -7.14 3.50
CA VAL C 7 10.07 -6.79 4.72
C VAL C 7 10.20 -5.28 4.76
N ARG C 8 10.04 -4.71 5.94
CA ARG C 8 10.16 -3.28 6.15
C ARG C 8 11.26 -3.01 7.16
N THR C 9 12.03 -1.97 6.92
CA THR C 9 13.12 -1.63 7.82
C THR C 9 13.33 -0.13 7.73
N SER C 10 14.14 0.40 8.62
CA SER C 10 14.37 1.82 8.63
C SER C 10 15.80 2.13 9.01
N PHE C 11 16.27 3.29 8.56
CA PHE C 11 17.61 3.74 8.87
C PHE C 11 17.63 5.26 8.80
N ASP C 12 18.60 5.88 9.46
CA ASP C 12 18.72 7.34 9.44
C ASP C 12 19.92 7.69 8.59
N ALA C 13 19.78 8.73 7.78
CA ALA C 13 20.87 9.15 6.91
C ALA C 13 20.70 10.63 6.59
N ALA C 14 21.78 11.27 6.14
CA ALA C 14 21.74 12.69 5.84
C ALA C 14 22.15 12.96 4.39
N HIS C 15 21.64 14.06 3.84
CA HIS C 15 21.95 14.46 2.47
C HIS C 15 21.33 15.81 2.13
N VAL C 26 22.81 18.66 3.12
CA VAL C 26 22.76 17.76 4.26
C VAL C 26 21.74 18.23 5.29
N HIS C 27 20.86 17.32 5.70
CA HIS C 27 19.82 17.64 6.68
C HIS C 27 19.59 16.49 7.64
N GLY C 28 19.49 15.28 7.10
CA GLY C 28 19.26 14.11 7.94
C GLY C 28 17.80 13.73 7.98
N HIS C 29 17.51 12.46 7.69
CA HIS C 29 16.14 11.97 7.68
C HIS C 29 16.05 10.51 8.10
N THR C 30 14.85 10.09 8.46
CA THR C 30 14.62 8.69 8.78
C THR C 30 14.05 8.12 7.49
N PHE C 31 14.69 7.10 6.96
CA PHE C 31 14.26 6.45 5.74
C PHE C 31 13.51 5.17 6.08
N PHE C 32 12.38 4.95 5.41
CA PHE C 32 11.59 3.76 5.63
C PHE C 32 11.64 2.96 4.34
N LEU C 33 12.18 1.76 4.42
CA LEU C 33 12.34 0.90 3.27
C LEU C 33 11.42 -0.31 3.28
N GLU C 34 10.81 -0.57 2.13
CA GLU C 34 9.93 -1.72 1.97
C GLU C 34 10.46 -2.46 0.75
N VAL C 35 10.72 -3.75 0.92
CA VAL C 35 11.23 -4.59 -0.16
C VAL C 35 10.30 -5.78 -0.41
N ALA C 36 9.87 -5.94 -1.65
CA ALA C 36 8.99 -7.04 -2.00
C ALA C 36 9.75 -8.01 -2.88
N ILE C 37 9.73 -9.29 -2.49
CA ILE C 37 10.42 -10.35 -3.22
C ILE C 37 9.36 -11.30 -3.79
N GLU C 38 9.48 -11.62 -5.07
CA GLU C 38 8.51 -12.50 -5.70
C GLU C 38 9.06 -13.90 -6.00
N GLY C 39 8.23 -14.90 -5.74
CA GLY C 39 8.64 -16.26 -5.98
C GLY C 39 7.45 -17.19 -5.87
N GLU C 40 7.72 -18.48 -5.99
CA GLU C 40 6.68 -19.50 -5.91
C GLU C 40 6.55 -19.95 -4.46
N ILE C 41 5.32 -20.15 -4.00
CA ILE C 41 5.13 -20.63 -2.64
C ILE C 41 5.42 -22.12 -2.71
N LYS C 42 6.44 -22.57 -1.98
CA LYS C 42 6.82 -23.97 -1.98
C LYS C 42 7.18 -24.40 -0.56
N ASN C 43 6.43 -25.37 -0.06
CA ASN C 43 6.64 -25.89 1.29
C ASN C 43 6.09 -24.91 2.32
N GLY C 44 5.13 -24.09 1.92
CA GLY C 44 4.54 -23.14 2.83
C GLY C 44 5.13 -21.74 2.79
N TYR C 45 6.16 -21.53 1.98
CA TYR C 45 6.75 -20.21 1.91
C TYR C 45 7.56 -19.91 0.65
N VAL C 46 7.76 -18.62 0.40
CA VAL C 46 8.50 -18.12 -0.75
C VAL C 46 9.99 -18.02 -0.41
N MET C 47 10.26 -17.55 0.81
CA MET C 47 11.63 -17.35 1.29
C MET C 47 11.45 -17.03 2.77
N ASP C 48 12.41 -17.38 3.61
CA ASP C 48 12.24 -17.09 5.03
C ASP C 48 12.53 -15.62 5.31
N PHE C 49 11.61 -14.98 6.01
CA PHE C 49 11.71 -13.57 6.35
C PHE C 49 13.07 -13.14 6.89
N LEU C 50 13.63 -13.94 7.80
CA LEU C 50 14.92 -13.61 8.41
C LEU C 50 16.07 -13.51 7.40
N GLU C 51 16.12 -14.46 6.47
CA GLU C 51 17.17 -14.46 5.45
C GLU C 51 17.08 -13.20 4.60
N LEU C 52 15.85 -12.83 4.25
CA LEU C 52 15.63 -11.64 3.45
C LEU C 52 16.01 -10.41 4.25
N ARG C 53 15.52 -10.32 5.48
CA ARG C 53 15.80 -9.18 6.34
C ARG C 53 17.30 -8.99 6.53
N LYS C 54 18.02 -10.10 6.70
CA LYS C 54 19.47 -10.07 6.88
C LYS C 54 20.14 -9.48 5.63
N ILE C 55 19.65 -9.88 4.46
CA ILE C 55 20.21 -9.38 3.21
C ILE C 55 19.98 -7.87 3.09
N VAL C 56 18.76 -7.43 3.37
CA VAL C 56 18.40 -6.02 3.28
C VAL C 56 19.15 -5.16 4.30
N GLU C 57 19.17 -5.60 5.55
CA GLU C 57 19.83 -4.81 6.59
C GLU C 57 21.35 -4.79 6.46
N GLU C 58 21.91 -5.82 5.84
CA GLU C 58 23.34 -5.87 5.61
C GLU C 58 23.68 -4.77 4.60
N ILE C 59 22.68 -4.40 3.81
CA ILE C 59 22.85 -3.36 2.82
C ILE C 59 22.56 -1.99 3.42
N THR C 60 21.47 -1.90 4.17
CA THR C 60 21.10 -0.63 4.78
C THR C 60 22.08 -0.15 5.85
N LYS C 61 22.77 -1.07 6.51
CA LYS C 61 23.71 -0.67 7.56
C LYS C 61 24.84 0.21 7.02
N GLU C 62 25.12 0.09 5.72
CA GLU C 62 26.17 0.90 5.10
C GLU C 62 25.75 2.38 4.99
N LEU C 63 24.44 2.65 4.97
CA LEU C 63 23.95 4.01 4.83
C LEU C 63 23.57 4.62 6.17
N ASP C 64 23.22 3.75 7.11
CA ASP C 64 22.77 4.17 8.43
C ASP C 64 23.79 5.06 9.17
N HIS C 65 23.35 6.27 9.50
CA HIS C 65 24.16 7.27 10.20
C HIS C 65 25.26 7.87 9.34
N ARG C 66 25.11 7.80 8.03
CA ARG C 66 26.11 8.34 7.11
C ARG C 66 25.61 9.56 6.36
N ASN C 67 26.55 10.27 5.73
CA ASN C 67 26.23 11.43 4.91
C ASN C 67 26.20 10.85 3.50
N LEU C 68 25.01 10.67 2.95
CA LEU C 68 24.86 10.09 1.62
C LEU C 68 25.65 10.85 0.54
N ASN C 69 25.94 12.12 0.77
CA ASN C 69 26.69 12.90 -0.20
C ASN C 69 28.13 12.43 -0.35
N ASN C 70 28.61 11.64 0.61
CA ASN C 70 29.98 11.13 0.55
C ASN C 70 30.04 9.75 -0.11
N ILE C 71 28.87 9.17 -0.37
CA ILE C 71 28.81 7.86 -1.00
C ILE C 71 28.13 7.95 -2.36
N PHE C 72 27.25 8.93 -2.51
CA PHE C 72 26.52 9.13 -3.76
C PHE C 72 26.91 10.46 -4.39
N GLU C 73 27.01 10.46 -5.72
CA GLU C 73 27.32 11.68 -6.46
C GLU C 73 26.11 12.58 -6.31
N ASN C 74 24.93 12.01 -6.50
CA ASN C 74 23.66 12.73 -6.39
C ASN C 74 22.71 11.83 -5.59
N PRO C 75 22.77 11.92 -4.25
CA PRO C 75 21.95 11.12 -3.32
C PRO C 75 20.45 11.40 -3.28
N THR C 76 19.79 11.41 -4.44
CA THR C 76 18.35 11.62 -4.48
C THR C 76 17.70 10.35 -3.96
N THR C 77 16.46 10.45 -3.50
CA THR C 77 15.79 9.26 -3.00
C THR C 77 15.73 8.20 -4.09
N GLU C 78 15.54 8.66 -5.33
CA GLU C 78 15.49 7.75 -6.47
C GLU C 78 16.80 6.98 -6.65
N ASN C 79 17.93 7.69 -6.60
CA ASN C 79 19.22 7.05 -6.77
C ASN C 79 19.57 6.09 -5.63
N ILE C 80 19.15 6.43 -4.42
CA ILE C 80 19.40 5.57 -3.28
C ILE C 80 18.60 4.28 -3.45
N ALA C 81 17.32 4.41 -3.82
CA ALA C 81 16.46 3.26 -4.03
C ALA C 81 17.05 2.34 -5.09
N LEU C 82 17.54 2.94 -6.18
CA LEU C 82 18.14 2.18 -7.27
C LEU C 82 19.34 1.39 -6.76
N TRP C 83 20.22 2.08 -6.05
CA TRP C 83 21.41 1.47 -5.51
C TRP C 83 21.03 0.30 -4.60
N ILE C 84 20.08 0.53 -3.69
CA ILE C 84 19.65 -0.51 -2.78
C ILE C 84 19.14 -1.72 -3.58
N GLY C 85 18.24 -1.46 -4.52
CA GLY C 85 17.69 -2.54 -5.33
C GLY C 85 18.73 -3.42 -5.99
N GLU C 86 19.77 -2.80 -6.56
CA GLU C 86 20.80 -3.58 -7.22
C GLU C 86 21.62 -4.42 -6.23
N ARG C 87 21.89 -3.86 -5.06
CA ARG C 87 22.64 -4.59 -4.04
C ARG C 87 21.85 -5.82 -3.57
N ILE C 88 20.54 -5.67 -3.45
CA ILE C 88 19.67 -6.77 -3.02
C ILE C 88 19.62 -7.83 -4.11
N ARG C 89 19.42 -7.38 -5.34
CA ARG C 89 19.35 -8.25 -6.50
C ARG C 89 20.56 -9.16 -6.59
N ASP C 90 21.72 -8.63 -6.24
CA ASP C 90 22.96 -9.40 -6.31
C ASP C 90 23.16 -10.42 -5.19
N LYS C 91 22.25 -10.45 -4.21
CA LYS C 91 22.39 -11.38 -3.10
C LYS C 91 21.20 -12.32 -2.91
N LEU C 92 20.12 -12.08 -3.63
CA LEU C 92 18.94 -12.92 -3.52
C LEU C 92 19.20 -14.35 -3.97
N PRO C 93 18.45 -15.32 -3.42
CA PRO C 93 18.60 -16.73 -3.78
C PRO C 93 18.18 -16.88 -5.25
N PRO C 94 18.47 -18.04 -5.87
CA PRO C 94 18.14 -18.30 -7.27
C PRO C 94 16.67 -18.34 -7.68
N TYR C 95 15.81 -18.94 -6.87
CA TYR C 95 14.39 -19.08 -7.22
C TYR C 95 13.55 -17.88 -6.76
N VAL C 96 14.12 -16.69 -6.73
CA VAL C 96 13.37 -15.53 -6.28
C VAL C 96 13.75 -14.29 -7.08
N LYS C 97 12.87 -13.29 -7.09
CA LYS C 97 13.11 -12.07 -7.86
C LYS C 97 12.72 -10.80 -7.10
N LEU C 98 13.51 -9.74 -7.29
CA LEU C 98 13.21 -8.46 -6.65
C LEU C 98 12.03 -7.85 -7.39
N LYS C 99 10.89 -7.74 -6.72
CA LYS C 99 9.70 -7.21 -7.35
C LYS C 99 9.46 -5.71 -7.12
N ARG C 100 9.76 -5.24 -5.93
CA ARG C 100 9.52 -3.85 -5.60
C ARG C 100 10.34 -3.29 -4.45
N VAL C 101 10.69 -2.02 -4.58
CA VAL C 101 11.43 -1.30 -3.56
C VAL C 101 10.73 0.04 -3.38
N VAL C 102 10.33 0.33 -2.15
CA VAL C 102 9.68 1.60 -1.87
C VAL C 102 10.54 2.24 -0.80
N LEU C 103 11.07 3.42 -1.11
CA LEU C 103 11.91 4.13 -0.17
C LEU C 103 11.28 5.47 0.20
N TRP C 104 10.91 5.62 1.47
CA TRP C 104 10.31 6.84 1.99
C TRP C 104 11.32 7.70 2.71
N GLU C 105 11.41 8.97 2.32
CA GLU C 105 12.31 9.91 2.97
C GLU C 105 11.37 10.62 3.93
N GLY C 106 11.23 10.07 5.13
CA GLY C 106 10.31 10.65 6.09
C GLY C 106 9.02 9.89 5.82
N LYS C 107 7.93 10.24 6.48
CA LYS C 107 6.68 9.53 6.31
C LYS C 107 5.80 9.94 5.14
N ASP C 108 6.02 11.13 4.59
CA ASP C 108 5.14 11.62 3.53
C ASP C 108 5.59 11.59 2.08
N ASN C 109 6.84 11.28 1.81
CA ASN C 109 7.34 11.24 0.43
C ASN C 109 8.20 10.03 0.18
N GLY C 110 8.00 9.42 -0.98
CA GLY C 110 8.76 8.24 -1.32
C GLY C 110 8.91 7.96 -2.80
N VAL C 111 9.76 6.99 -3.10
CA VAL C 111 10.04 6.54 -4.46
C VAL C 111 9.72 5.05 -4.53
N GLU C 112 8.92 4.70 -5.54
CA GLU C 112 8.54 3.31 -5.74
C GLU C 112 9.17 2.80 -7.02
N LEU C 113 9.93 1.72 -6.92
CA LEU C 113 10.56 1.11 -8.07
C LEU C 113 9.94 -0.26 -8.20
N GLU C 114 9.42 -0.58 -9.38
CA GLU C 114 8.80 -1.87 -9.58
C GLU C 114 9.36 -2.54 -10.83
N TRP C 115 9.79 -3.79 -10.67
CA TRP C 115 10.36 -4.56 -11.76
C TRP C 115 9.36 -5.61 -12.23
#